data_6SHU
#
_entry.id   6SHU
#
_cell.length_a   106.780
_cell.length_b   42.900
_cell.length_c   66.380
_cell.angle_alpha   90.000
_cell.angle_beta   117.339
_cell.angle_gamma   90.000
#
_symmetry.space_group_name_H-M   'C 1 2 1'
#
loop_
_entity.id
_entity.type
_entity.pdbx_description
1 polymer 'Basic membrane protein D'
2 non-polymer ADENOSINE
3 non-polymer 'CHLORIDE ION'
4 non-polymer 'SODIUM ION'
5 water water
#
_entity_poly.entity_id   1
_entity_poly.type   'polypeptide(L)'
_entity_poly.pdbx_seq_one_letter_code
;HMHHHHHHSSGLVPRGSGMKETAAAKFERQHMDSPDLSSSDDGKSEAKTVSLIVDGAFDDKGFNESSSKAIRKLKADLNI
NIIEKASTGNSYLGDIANLEDGNSNLIWGIGFRLSDILFQRASENVSVNYAIIEGVYDEIQIPKNLLNISFRSEEVAFLA
GYFASKASKTGKIGFVGGVRGKVLESFMYGYEAGAKYANSNIKVVSQYVGTFGDFGLGRSTASNMYRDGVDIIFAAAGLS
GIGVIEAAKELGPDHYIIGVDQDQSYLAPNNVIVSAVKKVDSLMYSLTKKYLETGVLDGGKTMFLGLKEDGLGLVLNENL
KSNYSEIYNKSLKIGQSIMNGIIKVPYDKVSYDNFVLQMEN
;
_entity_poly.pdbx_strand_id   A
#
loop_
_chem_comp.id
_chem_comp.type
_chem_comp.name
_chem_comp.formula
ADN non-polymer ADENOSINE 'C10 H13 N5 O4'
CL non-polymer 'CHLORIDE ION' 'Cl -1'
NA non-polymer 'SODIUM ION' 'Na 1'
#
# COMPACT_ATOMS: atom_id res chain seq x y z
N LYS A 44 31.09 -1.44 12.17
CA LYS A 44 29.85 -1.36 11.41
C LYS A 44 28.81 -2.35 11.90
N SER A 45 27.72 -2.49 11.15
CA SER A 45 26.58 -3.30 11.54
C SER A 45 26.63 -4.70 10.94
N GLU A 46 27.80 -5.14 10.46
CA GLU A 46 27.84 -6.37 9.69
C GLU A 46 27.42 -7.59 10.50
N ALA A 47 27.65 -7.59 11.81
CA ALA A 47 27.24 -8.72 12.61
C ALA A 47 25.74 -8.76 12.86
N LYS A 48 25.03 -7.66 12.62
CA LYS A 48 23.63 -7.62 13.02
C LYS A 48 22.74 -8.33 11.99
N THR A 49 21.52 -8.65 12.43
CA THR A 49 20.56 -9.38 11.61
C THR A 49 19.24 -8.62 11.62
N VAL A 50 18.67 -8.41 10.44
CA VAL A 50 17.33 -7.84 10.31
C VAL A 50 16.46 -8.86 9.60
N SER A 51 15.29 -9.12 10.16
CA SER A 51 14.38 -10.13 9.66
C SER A 51 13.08 -9.51 9.20
N LEU A 52 12.37 -10.27 8.37
CA LEU A 52 11.20 -9.77 7.64
C LEU A 52 10.20 -10.89 7.52
N ILE A 53 8.97 -10.64 7.96
CA ILE A 53 7.87 -11.61 7.81
C ILE A 53 6.71 -10.90 7.14
N VAL A 54 6.16 -11.52 6.09
CA VAL A 54 5.02 -11.03 5.35
C VAL A 54 3.90 -12.07 5.39
N ASP A 55 2.70 -11.64 5.05
CA ASP A 55 1.60 -12.57 4.85
C ASP A 55 1.44 -12.80 3.35
N GLY A 56 1.45 -14.07 2.96
CA GLY A 56 1.38 -14.44 1.56
C GLY A 56 2.73 -14.35 0.87
N ALA A 57 2.68 -14.38 -0.46
CA ALA A 57 3.90 -14.44 -1.26
C ALA A 57 4.60 -13.09 -1.28
N PHE A 58 5.94 -13.13 -1.26
CA PHE A 58 6.72 -11.91 -1.47
C PHE A 58 6.52 -11.33 -2.87
N ASP A 59 6.30 -12.19 -3.88
CA ASP A 59 6.34 -11.80 -5.29
C ASP A 59 4.98 -11.24 -5.74
N ASP A 60 4.63 -10.06 -5.20
CA ASP A 60 3.38 -9.38 -5.52
C ASP A 60 3.56 -8.14 -6.39
N LYS A 61 4.79 -7.85 -6.82
CA LYS A 61 5.08 -6.69 -7.67
C LYS A 61 4.72 -5.37 -7.00
N GLY A 62 4.56 -5.36 -5.67
CA GLY A 62 4.06 -4.20 -4.97
C GLY A 62 4.48 -4.17 -3.51
N PHE A 63 3.50 -4.38 -2.63
CA PHE A 63 3.64 -4.13 -1.19
C PHE A 63 4.66 -5.06 -0.55
N ASN A 64 4.41 -6.39 -0.59
CA ASN A 64 5.37 -7.31 0.01
C ASN A 64 6.72 -7.24 -0.70
N GLU A 65 6.71 -7.10 -2.03
CA GLU A 65 7.96 -7.05 -2.77
C GLU A 65 8.80 -5.86 -2.34
N SER A 66 8.14 -4.72 -2.08
CA SER A 66 8.88 -3.53 -1.68
C SER A 66 9.59 -3.73 -0.35
N SER A 67 8.98 -4.49 0.56
CA SER A 67 9.64 -4.75 1.85
C SER A 67 10.87 -5.61 1.66
N SER A 68 10.81 -6.58 0.75
CA SER A 68 11.97 -7.40 0.45
C SER A 68 13.06 -6.58 -0.23
N LYS A 69 12.67 -5.65 -1.12
CA LYS A 69 13.67 -4.80 -1.75
C LYS A 69 14.46 -4.00 -0.71
N ALA A 70 13.78 -3.47 0.30
CA ALA A 70 14.47 -2.70 1.33
C ALA A 70 15.47 -3.56 2.09
N ILE A 71 15.05 -4.76 2.50
CA ILE A 71 15.90 -5.62 3.31
C ILE A 71 17.10 -6.10 2.50
N ARG A 72 16.89 -6.43 1.22
CA ARG A 72 18.00 -6.84 0.39
C ARG A 72 18.96 -5.70 0.10
N LYS A 73 18.45 -4.47 -0.01
CA LYS A 73 19.33 -3.32 -0.21
C LYS A 73 20.14 -3.03 1.04
N LEU A 74 19.53 -3.21 2.22
CA LEU A 74 20.31 -3.08 3.45
C LEU A 74 21.45 -4.09 3.48
N LYS A 75 21.16 -5.33 3.07
CA LYS A 75 22.21 -6.34 3.01
C LYS A 75 23.31 -5.93 2.02
N ALA A 76 22.91 -5.42 0.85
CA ALA A 76 23.90 -5.05 -0.15
C ALA A 76 24.78 -3.90 0.33
N ASP A 77 24.17 -2.90 0.97
CA ASP A 77 24.91 -1.68 1.31
C ASP A 77 25.68 -1.80 2.63
N LEU A 78 25.09 -2.48 3.62
CA LEU A 78 25.66 -2.56 4.96
C LEU A 78 26.24 -3.93 5.29
N ASN A 79 26.03 -4.92 4.44
CA ASN A 79 26.54 -6.27 4.66
C ASN A 79 26.02 -6.91 5.95
N ILE A 80 24.82 -6.52 6.38
CA ILE A 80 24.13 -7.17 7.49
C ILE A 80 23.67 -8.56 7.07
N ASN A 81 23.32 -9.39 8.05
CA ASN A 81 22.58 -10.62 7.81
C ASN A 81 21.08 -10.32 7.73
N ILE A 82 20.39 -11.07 6.89
CA ILE A 82 18.95 -10.93 6.73
C ILE A 82 18.28 -12.29 6.73
N ILE A 83 17.02 -12.31 7.16
CA ILE A 83 16.16 -13.47 7.08
C ILE A 83 14.81 -13.01 6.58
N GLU A 84 14.28 -13.67 5.56
CA GLU A 84 13.00 -13.31 4.98
C GLU A 84 12.08 -14.52 5.07
N LYS A 85 10.84 -14.29 5.50
CA LYS A 85 9.89 -15.39 5.71
C LYS A 85 8.52 -15.00 5.20
N ALA A 86 7.99 -15.77 4.25
CA ALA A 86 6.60 -15.63 3.82
C ALA A 86 5.73 -16.54 4.69
N SER A 87 4.74 -15.95 5.32
CA SER A 87 3.97 -16.66 6.35
C SER A 87 2.48 -16.65 6.00
N THR A 88 1.68 -17.15 6.94
CA THR A 88 0.23 -17.24 6.79
C THR A 88 -0.36 -17.33 8.18
N GLY A 89 -1.64 -16.95 8.30
CA GLY A 89 -2.24 -16.74 9.61
C GLY A 89 -2.13 -17.94 10.54
N ASN A 90 -2.26 -19.15 9.99
CA ASN A 90 -2.25 -20.32 10.86
C ASN A 90 -0.87 -20.61 11.42
N SER A 91 0.18 -19.92 10.94
CA SER A 91 1.53 -20.18 11.40
C SER A 91 2.35 -18.92 11.70
N TYR A 92 1.69 -17.77 11.90
CA TYR A 92 2.43 -16.56 12.27
C TYR A 92 3.28 -16.80 13.50
N LEU A 93 2.66 -17.34 14.56
CA LEU A 93 3.31 -17.42 15.86
C LEU A 93 4.61 -18.19 15.76
N GLY A 94 4.58 -19.37 15.13
CA GLY A 94 5.79 -20.17 15.00
C GLY A 94 6.84 -19.53 14.10
N ASP A 95 6.40 -18.95 12.98
CA ASP A 95 7.34 -18.37 12.03
C ASP A 95 8.10 -17.20 12.65
N ILE A 96 7.40 -16.37 13.45
CA ILE A 96 8.08 -15.23 14.06
C ILE A 96 8.89 -15.66 15.28
N ALA A 97 8.39 -16.61 16.08
CA ALA A 97 9.18 -17.13 17.18
C ALA A 97 10.52 -17.63 16.69
N ASN A 98 10.58 -18.10 15.45
CA ASN A 98 11.81 -18.57 14.85
C ASN A 98 12.75 -17.44 14.43
N LEU A 99 12.21 -16.34 13.91
CA LEU A 99 13.06 -15.19 13.65
C LEU A 99 13.66 -14.66 14.94
N GLU A 100 12.89 -14.73 16.04
CA GLU A 100 13.42 -14.35 17.35
C GLU A 100 14.56 -15.28 17.76
N ASP A 101 14.37 -16.58 17.58
CA ASP A 101 15.38 -17.54 18.00
C ASP A 101 16.63 -17.48 17.14
N GLY A 102 16.55 -16.92 15.93
CA GLY A 102 17.72 -16.56 15.15
C GLY A 102 18.44 -15.31 15.61
N ASN A 103 18.05 -14.75 16.76
CA ASN A 103 18.70 -13.58 17.34
C ASN A 103 18.65 -12.35 16.44
N SER A 104 17.51 -12.17 15.78
CA SER A 104 17.29 -10.97 14.98
C SER A 104 17.40 -9.73 15.85
N ASN A 105 18.14 -8.73 15.36
CA ASN A 105 18.24 -7.45 16.03
C ASN A 105 17.02 -6.57 15.77
N LEU A 106 16.31 -6.80 14.68
CA LEU A 106 15.05 -6.12 14.39
C LEU A 106 14.23 -7.06 13.53
N ILE A 107 12.95 -7.19 13.86
CA ILE A 107 12.00 -7.99 13.09
C ILE A 107 10.95 -7.06 12.53
N TRP A 108 10.83 -7.00 11.20
CA TRP A 108 9.79 -6.27 10.50
C TRP A 108 8.64 -7.21 10.16
N GLY A 109 7.42 -6.82 10.52
CA GLY A 109 6.21 -7.46 10.02
C GLY A 109 5.51 -6.53 9.03
N ILE A 110 4.94 -7.10 7.98
CA ILE A 110 4.40 -6.29 6.89
C ILE A 110 2.90 -6.50 6.77
N GLY A 111 2.15 -5.43 6.96
CA GLY A 111 0.72 -5.47 6.70
C GLY A 111 -0.12 -5.68 7.94
N PHE A 112 -1.37 -5.22 7.87
CA PHE A 112 -2.22 -5.22 9.04
C PHE A 112 -2.58 -6.61 9.53
N ARG A 113 -2.50 -7.62 8.67
CA ARG A 113 -2.87 -8.95 9.14
C ARG A 113 -1.92 -9.46 10.22
N LEU A 114 -0.70 -8.92 10.27
CA LEU A 114 0.26 -9.28 11.32
C LEU A 114 0.13 -8.44 12.59
N SER A 115 -0.91 -7.61 12.69
CA SER A 115 -0.99 -6.64 13.79
C SER A 115 -0.94 -7.32 15.15
N ASP A 116 -1.92 -8.19 15.41
CA ASP A 116 -2.05 -8.73 16.76
C ASP A 116 -0.88 -9.62 17.13
N ILE A 117 -0.35 -10.43 16.20
CA ILE A 117 0.80 -11.28 16.51
C ILE A 117 2.05 -10.44 16.82
N LEU A 118 2.36 -9.46 15.97
CA LEU A 118 3.51 -8.60 16.23
C LEU A 118 3.37 -7.91 17.59
N PHE A 119 2.15 -7.48 17.92
CA PHE A 119 1.91 -6.85 19.22
C PHE A 119 2.16 -7.82 20.36
N GLN A 120 1.61 -9.04 20.26
CA GLN A 120 1.83 -10.02 21.32
C GLN A 120 3.31 -10.34 21.49
N ARG A 121 4.01 -10.58 20.39
CA ARG A 121 5.43 -10.93 20.49
C ARG A 121 6.24 -9.81 21.10
N ALA A 122 5.98 -8.56 20.69
CA ALA A 122 6.68 -7.43 21.29
C ALA A 122 6.36 -7.31 22.78
N SER A 123 5.07 -7.46 23.13
N SER A 123 5.08 -7.46 23.13
CA SER A 123 4.68 -7.36 24.53
CA SER A 123 4.67 -7.37 24.53
C SER A 123 5.40 -8.41 25.37
C SER A 123 5.37 -8.42 25.37
N GLU A 124 5.52 -9.63 24.84
CA GLU A 124 6.06 -10.75 25.60
C GLU A 124 7.58 -10.84 25.56
N ASN A 125 8.24 -10.29 24.55
CA ASN A 125 9.69 -10.38 24.38
C ASN A 125 10.26 -8.97 24.44
N VAL A 126 10.47 -8.49 25.66
CA VAL A 126 10.85 -7.09 25.86
C VAL A 126 12.22 -6.79 25.26
N SER A 127 13.08 -7.79 25.14
N SER A 127 13.09 -7.78 25.14
CA SER A 127 14.45 -7.57 24.68
CA SER A 127 14.45 -7.54 24.68
C SER A 127 14.59 -7.66 23.16
C SER A 127 14.60 -7.68 23.16
N VAL A 128 13.51 -7.98 22.45
CA VAL A 128 13.52 -8.05 20.99
C VAL A 128 12.83 -6.79 20.46
N ASN A 129 13.32 -6.27 19.35
CA ASN A 129 12.75 -5.08 18.75
C ASN A 129 11.96 -5.43 17.49
N TYR A 130 10.77 -4.85 17.37
CA TYR A 130 9.85 -5.18 16.29
C TYR A 130 9.34 -3.89 15.66
N ALA A 131 9.10 -3.94 14.34
CA ALA A 131 8.47 -2.84 13.65
C ALA A 131 7.45 -3.41 12.67
N ILE A 132 6.34 -2.72 12.49
CA ILE A 132 5.27 -3.21 11.64
C ILE A 132 4.82 -2.11 10.68
N ILE A 133 4.69 -2.48 9.40
CA ILE A 133 4.10 -1.60 8.39
C ILE A 133 2.59 -1.82 8.42
N GLU A 134 1.86 -0.80 8.85
CA GLU A 134 0.39 -0.79 8.80
C GLU A 134 -0.25 -1.68 9.86
N GLY A 135 0.29 -1.68 11.07
CA GLY A 135 -0.42 -2.27 12.18
C GLY A 135 -1.68 -1.46 12.47
N VAL A 136 -2.76 -2.17 12.77
CA VAL A 136 -4.05 -1.55 13.05
C VAL A 136 -4.45 -1.97 14.45
N TYR A 137 -4.49 -1.00 15.36
CA TYR A 137 -4.71 -1.24 16.77
C TYR A 137 -5.80 -0.31 17.28
N ASP A 138 -6.65 -0.84 18.16
CA ASP A 138 -7.77 -0.07 18.70
C ASP A 138 -7.49 0.33 20.14
N GLU A 139 -7.65 -0.63 21.04
CA GLU A 139 -7.68 -0.34 22.48
C GLU A 139 -6.29 -0.06 23.03
N ILE A 140 -5.28 -0.73 22.48
CA ILE A 140 -4.03 -0.96 23.20
C ILE A 140 -3.06 0.21 23.04
N GLN A 141 -2.12 0.27 23.99
CA GLN A 141 -0.95 1.14 23.90
C GLN A 141 0.20 0.34 23.30
N ILE A 142 0.94 0.96 22.39
CA ILE A 142 2.02 0.26 21.70
C ILE A 142 3.21 0.14 22.63
N PRO A 143 3.78 -1.05 22.83
CA PRO A 143 4.92 -1.19 23.73
C PRO A 143 6.16 -0.53 23.15
N LYS A 144 7.11 -0.24 24.05
CA LYS A 144 8.27 0.54 23.67
C LYS A 144 9.15 -0.16 22.64
N ASN A 145 9.07 -1.49 22.54
CA ASN A 145 9.86 -2.26 21.59
C ASN A 145 9.10 -2.59 20.30
N LEU A 146 8.01 -1.86 20.03
CA LEU A 146 7.28 -1.99 18.77
C LEU A 146 7.13 -0.61 18.17
N LEU A 147 7.44 -0.49 16.89
CA LEU A 147 7.22 0.73 16.12
C LEU A 147 6.18 0.43 15.06
N ASN A 148 5.11 1.21 15.03
CA ASN A 148 4.08 1.07 14.01
C ASN A 148 4.20 2.19 12.99
N ILE A 149 4.01 1.85 11.72
CA ILE A 149 4.00 2.82 10.63
C ILE A 149 2.59 2.82 10.05
N SER A 150 2.04 4.01 9.83
CA SER A 150 0.74 4.14 9.19
C SER A 150 0.86 5.08 8.01
N PHE A 151 0.35 4.64 6.85
CA PHE A 151 0.28 5.50 5.69
C PHE A 151 -1.14 6.04 5.52
N ARG A 152 -1.24 7.33 5.20
N ARG A 152 -1.22 7.33 5.19
CA ARG A 152 -2.52 7.95 4.92
CA ARG A 152 -2.52 7.96 4.92
C ARG A 152 -2.91 7.66 3.47
C ARG A 152 -2.91 7.66 3.48
N SER A 153 -3.18 6.37 3.22
CA SER A 153 -3.40 5.89 1.86
C SER A 153 -4.50 6.63 1.12
N GLU A 154 -5.50 7.12 1.86
CA GLU A 154 -6.60 7.86 1.23
C GLU A 154 -6.09 9.03 0.39
N GLU A 155 -4.95 9.64 0.78
CA GLU A 155 -4.46 10.80 0.05
C GLU A 155 -4.03 10.43 -1.37
N VAL A 156 -3.29 9.33 -1.52
CA VAL A 156 -2.87 8.94 -2.86
C VAL A 156 -4.05 8.32 -3.61
N ALA A 157 -4.96 7.66 -2.90
CA ALA A 157 -6.16 7.13 -3.53
C ALA A 157 -7.03 8.25 -4.09
N PHE A 158 -7.09 9.39 -3.41
CA PHE A 158 -7.81 10.54 -3.91
C PHE A 158 -7.23 10.99 -5.25
N LEU A 159 -5.89 11.01 -5.35
CA LEU A 159 -5.26 11.36 -6.63
C LEU A 159 -5.61 10.35 -7.70
N ALA A 160 -5.61 9.05 -7.35
CA ALA A 160 -5.98 8.02 -8.31
C ALA A 160 -7.42 8.19 -8.80
N GLY A 161 -8.33 8.51 -7.88
CA GLY A 161 -9.73 8.67 -8.27
C GLY A 161 -9.96 9.92 -9.09
N TYR A 162 -9.33 11.03 -8.71
CA TYR A 162 -9.39 12.24 -9.52
C TYR A 162 -8.88 11.97 -10.93
N PHE A 163 -7.72 11.31 -11.02
CA PHE A 163 -7.12 11.00 -12.32
C PHE A 163 -8.04 10.11 -13.15
N ALA A 164 -8.51 9.00 -12.57
CA ALA A 164 -9.35 8.06 -13.30
C ALA A 164 -10.65 8.71 -13.75
N SER A 165 -11.26 9.53 -12.87
CA SER A 165 -12.49 10.23 -13.21
C SER A 165 -12.28 11.21 -14.37
N LYS A 166 -11.18 11.96 -14.35
CA LYS A 166 -10.93 12.86 -15.48
C LYS A 166 -10.61 12.09 -16.77
N ALA A 167 -9.94 10.94 -16.64
CA ALA A 167 -9.46 10.21 -17.81
C ALA A 167 -10.54 9.34 -18.45
N SER A 168 -11.54 8.91 -17.67
CA SER A 168 -12.49 7.91 -18.15
C SER A 168 -13.33 8.47 -19.29
N LYS A 169 -13.47 7.67 -20.36
CA LYS A 169 -14.34 8.04 -21.47
C LYS A 169 -15.77 7.56 -21.27
N THR A 170 -15.98 6.48 -20.51
CA THR A 170 -17.32 6.01 -20.23
C THR A 170 -17.96 6.75 -19.06
N GLY A 171 -17.16 7.39 -18.20
CA GLY A 171 -17.68 7.95 -16.98
C GLY A 171 -17.98 6.92 -15.93
N LYS A 172 -17.45 5.71 -16.09
CA LYS A 172 -17.65 4.62 -15.12
C LYS A 172 -16.30 3.98 -14.88
N ILE A 173 -15.87 3.99 -13.62
CA ILE A 173 -14.55 3.50 -13.23
C ILE A 173 -14.71 2.47 -12.11
N GLY A 174 -13.64 1.73 -11.87
CA GLY A 174 -13.69 0.61 -10.95
C GLY A 174 -12.63 0.72 -9.87
N PHE A 175 -12.92 0.05 -8.75
CA PHE A 175 -11.99 -0.13 -7.64
C PHE A 175 -12.02 -1.60 -7.27
N VAL A 176 -10.86 -2.25 -7.23
CA VAL A 176 -10.73 -3.64 -6.81
C VAL A 176 -9.82 -3.67 -5.59
N GLY A 177 -10.38 -4.09 -4.46
CA GLY A 177 -9.64 -4.15 -3.22
C GLY A 177 -9.27 -5.57 -2.84
N GLY A 178 -8.37 -5.66 -1.87
CA GLY A 178 -7.94 -6.96 -1.35
C GLY A 178 -8.79 -7.40 -0.18
N VAL A 179 -8.23 -7.35 1.02
CA VAL A 179 -8.96 -7.64 2.25
C VAL A 179 -9.52 -6.35 2.80
N ARG A 180 -10.82 -6.34 3.08
CA ARG A 180 -11.50 -5.18 3.66
C ARG A 180 -10.92 -4.84 5.03
N GLY A 181 -11.24 -3.65 5.49
CA GLY A 181 -10.79 -3.17 6.79
C GLY A 181 -10.39 -1.72 6.71
N LYS A 182 -9.77 -1.23 7.80
CA LYS A 182 -9.47 0.19 7.89
C LYS A 182 -8.49 0.62 6.80
N VAL A 183 -7.48 -0.19 6.50
CA VAL A 183 -6.52 0.20 5.48
C VAL A 183 -7.19 0.29 4.11
N LEU A 184 -7.90 -0.77 3.71
CA LEU A 184 -8.49 -0.76 2.37
C LEU A 184 -9.64 0.23 2.26
N GLU A 185 -10.40 0.44 3.34
CA GLU A 185 -11.47 1.42 3.24
C GLU A 185 -10.91 2.82 3.02
N SER A 186 -9.72 3.11 3.55
N SER A 186 -9.72 3.11 3.55
CA SER A 186 -9.10 4.41 3.28
CA SER A 186 -9.10 4.40 3.27
C SER A 186 -8.80 4.58 1.79
C SER A 186 -8.83 4.57 1.78
N PHE A 187 -8.34 3.51 1.13
CA PHE A 187 -8.16 3.56 -0.33
C PHE A 187 -9.50 3.77 -1.03
N MET A 188 -10.51 2.98 -0.64
CA MET A 188 -11.79 3.01 -1.37
C MET A 188 -12.46 4.37 -1.23
N TYR A 189 -12.54 4.90 -0.01
CA TYR A 189 -13.21 6.17 0.18
C TYR A 189 -12.40 7.34 -0.37
N GLY A 190 -11.07 7.27 -0.28
CA GLY A 190 -10.26 8.31 -0.90
C GLY A 190 -10.45 8.32 -2.40
N TYR A 191 -10.49 7.12 -3.01
CA TYR A 191 -10.69 7.00 -4.45
C TYR A 191 -12.06 7.53 -4.87
N GLU A 192 -13.11 7.11 -4.18
CA GLU A 192 -14.44 7.56 -4.56
C GLU A 192 -14.57 9.07 -4.39
N ALA A 193 -13.98 9.61 -3.32
CA ALA A 193 -14.04 11.05 -3.10
C ALA A 193 -13.28 11.82 -4.17
N GLY A 194 -12.07 11.38 -4.52
CA GLY A 194 -11.32 12.07 -5.57
C GLY A 194 -12.03 12.00 -6.90
N ALA A 195 -12.67 10.85 -7.18
CA ALA A 195 -13.42 10.70 -8.41
C ALA A 195 -14.59 11.68 -8.48
N LYS A 196 -15.34 11.83 -7.38
CA LYS A 196 -16.45 12.77 -7.35
C LYS A 196 -15.97 14.21 -7.42
N TYR A 197 -14.82 14.50 -6.82
CA TYR A 197 -14.23 15.84 -6.89
C TYR A 197 -13.94 16.23 -8.33
N ALA A 198 -13.57 15.25 -9.17
CA ALA A 198 -13.30 15.48 -10.58
C ALA A 198 -14.57 15.54 -11.43
N ASN A 199 -15.59 14.77 -11.08
CA ASN A 199 -16.84 14.73 -11.83
C ASN A 199 -17.92 14.30 -10.86
N SER A 200 -18.87 15.18 -10.56
CA SER A 200 -19.82 14.87 -9.50
C SER A 200 -20.69 13.65 -9.81
N ASN A 201 -20.96 13.38 -11.10
CA ASN A 201 -21.80 12.25 -11.48
C ASN A 201 -21.00 11.02 -11.90
N ILE A 202 -19.72 10.96 -11.53
CA ILE A 202 -18.92 9.77 -11.86
C ILE A 202 -19.56 8.53 -11.27
N LYS A 203 -19.50 7.43 -12.00
CA LYS A 203 -19.95 6.13 -11.50
C LYS A 203 -18.73 5.33 -11.10
N VAL A 204 -18.73 4.80 -9.87
CA VAL A 204 -17.65 3.98 -9.34
C VAL A 204 -18.22 2.64 -8.92
N VAL A 205 -17.63 1.56 -9.43
CA VAL A 205 -17.98 0.20 -9.04
C VAL A 205 -16.85 -0.32 -8.16
N SER A 206 -17.19 -0.77 -6.95
CA SER A 206 -16.20 -1.27 -6.00
C SER A 206 -16.45 -2.74 -5.70
N GLN A 207 -15.38 -3.53 -5.73
CA GLN A 207 -15.44 -4.94 -5.40
C GLN A 207 -14.19 -5.31 -4.63
N TYR A 208 -14.32 -6.30 -3.75
CA TYR A 208 -13.18 -6.82 -3.01
C TYR A 208 -12.93 -8.28 -3.37
N VAL A 209 -11.67 -8.60 -3.63
CA VAL A 209 -11.27 -9.98 -3.84
C VAL A 209 -11.39 -10.77 -2.53
N GLY A 210 -11.17 -10.12 -1.39
CA GLY A 210 -11.25 -10.78 -0.11
C GLY A 210 -9.95 -11.40 0.35
N THR A 211 -8.90 -11.29 -0.45
CA THR A 211 -7.57 -11.79 -0.13
C THR A 211 -6.61 -11.00 -1.00
N PHE A 212 -5.37 -10.88 -0.53
CA PHE A 212 -4.30 -10.27 -1.31
C PHE A 212 -3.58 -11.26 -2.22
N GLY A 213 -4.01 -12.53 -2.23
CA GLY A 213 -3.26 -13.54 -2.97
C GLY A 213 -4.05 -14.38 -3.96
N ASP A 214 -5.12 -13.83 -4.54
CA ASP A 214 -5.96 -14.57 -5.51
C ASP A 214 -5.96 -13.82 -6.84
N PHE A 215 -4.94 -14.13 -7.65
CA PHE A 215 -4.76 -13.51 -8.96
C PHE A 215 -5.96 -13.80 -9.87
N GLY A 216 -6.41 -15.05 -9.89
CA GLY A 216 -7.52 -15.42 -10.76
C GLY A 216 -8.81 -14.71 -10.44
N LEU A 217 -9.08 -14.49 -9.14
CA LEU A 217 -10.25 -13.73 -8.76
C LEU A 217 -10.09 -12.24 -9.05
N GLY A 218 -8.87 -11.70 -8.93
CA GLY A 218 -8.64 -10.36 -9.45
C GLY A 218 -8.97 -10.26 -10.92
N ARG A 219 -8.55 -11.25 -11.70
CA ARG A 219 -8.80 -11.25 -13.14
C ARG A 219 -10.29 -11.33 -13.45
N SER A 220 -11.01 -12.27 -12.83
CA SER A 220 -12.43 -12.39 -13.14
C SER A 220 -13.22 -11.17 -12.68
N THR A 221 -12.85 -10.61 -11.53
CA THR A 221 -13.51 -9.40 -11.05
C THR A 221 -13.34 -8.25 -12.05
N ALA A 222 -12.12 -8.06 -12.52
CA ALA A 222 -11.84 -7.00 -13.48
C ALA A 222 -12.52 -7.26 -14.82
N SER A 223 -12.49 -8.51 -15.29
CA SER A 223 -13.14 -8.83 -16.56
C SER A 223 -14.63 -8.49 -16.51
N ASN A 224 -15.28 -8.78 -15.38
CA ASN A 224 -16.70 -8.44 -15.23
C ASN A 224 -16.90 -6.92 -15.25
N MET A 225 -16.03 -6.17 -14.59
CA MET A 225 -16.15 -4.72 -14.60
C MET A 225 -15.98 -4.16 -16.01
N TYR A 226 -14.93 -4.58 -16.71
CA TYR A 226 -14.70 -4.09 -18.06
C TYR A 226 -15.88 -4.42 -18.97
N ARG A 227 -16.47 -5.60 -18.79
CA ARG A 227 -17.63 -5.96 -19.60
C ARG A 227 -18.86 -5.12 -19.27
N ASP A 228 -18.89 -4.52 -18.08
N ASP A 228 -18.90 -4.52 -18.08
CA ASP A 228 -20.02 -3.73 -17.60
CA ASP A 228 -20.03 -3.74 -17.63
C ASP A 228 -19.84 -2.22 -17.80
C ASP A 228 -19.80 -2.23 -17.75
N GLY A 229 -18.93 -1.81 -18.68
CA GLY A 229 -18.79 -0.41 -19.00
C GLY A 229 -17.74 0.37 -18.23
N VAL A 230 -16.97 -0.30 -17.37
CA VAL A 230 -15.83 0.34 -16.72
C VAL A 230 -14.68 0.38 -17.70
N ASP A 231 -13.98 1.51 -17.78
CA ASP A 231 -12.79 1.58 -18.62
C ASP A 231 -11.47 1.79 -17.86
N ILE A 232 -11.50 2.13 -16.59
CA ILE A 232 -10.30 2.32 -15.78
C ILE A 232 -10.57 1.70 -14.42
N ILE A 233 -9.66 0.84 -13.96
CA ILE A 233 -9.75 0.18 -12.66
C ILE A 233 -8.52 0.52 -11.83
N PHE A 234 -8.74 0.98 -10.61
CA PHE A 234 -7.67 1.10 -9.61
C PHE A 234 -7.61 -0.23 -8.87
N ALA A 235 -6.50 -0.94 -9.05
CA ALA A 235 -6.24 -2.24 -8.44
C ALA A 235 -5.41 -1.98 -7.18
N ALA A 236 -6.07 -2.05 -6.03
CA ALA A 236 -5.42 -1.86 -4.73
C ALA A 236 -5.62 -3.15 -3.91
N ALA A 237 -4.89 -4.19 -4.29
CA ALA A 237 -5.26 -5.53 -3.84
C ALA A 237 -4.06 -6.48 -3.75
N GLY A 238 -2.86 -5.95 -3.53
CA GLY A 238 -1.70 -6.84 -3.43
C GLY A 238 -1.52 -7.67 -4.69
N LEU A 239 -1.10 -8.92 -4.50
CA LEU A 239 -0.92 -9.82 -5.64
C LEU A 239 -2.21 -9.99 -6.43
N SER A 240 -3.36 -10.00 -5.75
CA SER A 240 -4.65 -10.17 -6.44
C SER A 240 -4.82 -9.13 -7.54
N GLY A 241 -4.36 -7.91 -7.29
CA GLY A 241 -4.49 -6.85 -8.27
C GLY A 241 -3.69 -7.07 -9.53
N ILE A 242 -2.64 -7.90 -9.46
CA ILE A 242 -1.91 -8.23 -10.68
C ILE A 242 -2.81 -9.01 -11.63
N GLY A 243 -3.76 -9.76 -11.09
CA GLY A 243 -4.78 -10.38 -11.94
C GLY A 243 -5.70 -9.38 -12.61
N VAL A 244 -5.98 -8.26 -11.93
CA VAL A 244 -6.71 -7.16 -12.58
C VAL A 244 -5.94 -6.66 -13.80
N ILE A 245 -4.62 -6.50 -13.64
CA ILE A 245 -3.78 -6.08 -14.77
C ILE A 245 -3.82 -7.12 -15.89
N GLU A 246 -3.77 -8.42 -15.54
CA GLU A 246 -3.87 -9.47 -16.54
C GLU A 246 -5.16 -9.36 -17.34
N ALA A 247 -6.28 -9.08 -16.67
CA ALA A 247 -7.55 -8.92 -17.37
C ALA A 247 -7.45 -7.79 -18.39
N ALA A 248 -6.85 -6.67 -17.99
CA ALA A 248 -6.69 -5.56 -18.92
C ALA A 248 -5.85 -5.96 -20.12
N LYS A 249 -4.74 -6.68 -19.89
CA LYS A 249 -3.90 -7.12 -21.01
C LYS A 249 -4.67 -8.04 -21.95
N GLU A 250 -5.53 -8.91 -21.40
CA GLU A 250 -6.27 -9.85 -22.25
C GLU A 250 -7.31 -9.16 -23.11
N LEU A 251 -7.80 -8.00 -22.67
CA LEU A 251 -8.81 -7.23 -23.39
C LEU A 251 -8.21 -6.17 -24.32
N GLY A 252 -6.93 -5.84 -24.15
CA GLY A 252 -6.24 -4.97 -25.09
C GLY A 252 -6.48 -3.50 -24.86
N PRO A 253 -6.28 -2.71 -25.91
CA PRO A 253 -6.37 -1.25 -25.77
C PRO A 253 -7.72 -0.80 -25.22
N ASP A 254 -7.68 0.32 -24.49
CA ASP A 254 -8.85 0.97 -23.88
C ASP A 254 -9.34 0.26 -22.63
N HIS A 255 -8.49 -0.53 -21.99
CA HIS A 255 -8.80 -1.11 -20.68
C HIS A 255 -7.64 -0.73 -19.77
N TYR A 256 -7.87 0.28 -18.95
CA TYR A 256 -6.76 0.92 -18.25
C TYR A 256 -6.74 0.53 -16.78
N ILE A 257 -5.55 0.66 -16.20
CA ILE A 257 -5.27 0.34 -14.81
C ILE A 257 -4.60 1.53 -14.15
N ILE A 258 -4.99 1.80 -12.91
CA ILE A 258 -4.15 2.56 -11.99
C ILE A 258 -3.46 1.53 -11.10
N GLY A 259 -2.13 1.48 -11.19
CA GLY A 259 -1.34 0.58 -10.37
C GLY A 259 -1.22 1.06 -8.94
N VAL A 260 -0.56 0.25 -8.13
CA VAL A 260 -0.51 0.53 -6.70
C VAL A 260 0.83 0.09 -6.14
N ASP A 261 1.26 0.80 -5.09
CA ASP A 261 2.37 0.46 -4.20
C ASP A 261 3.73 0.75 -4.79
N GLN A 262 4.01 0.20 -5.97
CA GLN A 262 5.20 0.56 -6.74
C GLN A 262 4.77 1.04 -8.13
N ASP A 263 5.72 1.56 -8.88
CA ASP A 263 5.44 1.88 -10.28
C ASP A 263 5.21 0.58 -11.03
N GLN A 264 3.95 0.31 -11.39
CA GLN A 264 3.59 -0.94 -12.05
C GLN A 264 3.41 -0.81 -13.56
N SER A 265 3.83 0.32 -14.14
CA SER A 265 3.65 0.50 -15.59
C SER A 265 4.35 -0.58 -16.39
N TYR A 266 5.49 -1.08 -15.91
CA TYR A 266 6.22 -2.10 -16.65
C TYR A 266 5.46 -3.42 -16.77
N LEU A 267 4.50 -3.69 -15.88
CA LEU A 267 3.69 -4.91 -15.99
C LEU A 267 2.75 -4.87 -17.18
N ALA A 268 2.35 -3.69 -17.64
CA ALA A 268 1.44 -3.58 -18.77
C ALA A 268 1.58 -2.18 -19.34
N PRO A 269 2.61 -1.94 -20.16
CA PRO A 269 2.95 -0.58 -20.55
C PRO A 269 1.94 0.10 -21.45
N ASN A 270 0.98 -0.63 -22.02
CA ASN A 270 -0.11 -0.05 -22.79
C ASN A 270 -1.38 0.15 -21.96
N ASN A 271 -1.39 -0.31 -20.71
CA ASN A 271 -2.64 -0.36 -19.96
C ASN A 271 -2.57 0.34 -18.61
N VAL A 272 -1.43 0.27 -17.92
CA VAL A 272 -1.24 0.99 -16.65
C VAL A 272 -0.90 2.43 -16.97
N ILE A 273 -1.79 3.36 -16.62
CA ILE A 273 -1.57 4.77 -16.97
C ILE A 273 -0.72 5.47 -15.93
N VAL A 274 -0.99 5.18 -14.66
CA VAL A 274 -0.36 5.85 -13.53
C VAL A 274 -0.43 4.86 -12.38
N SER A 275 0.43 5.05 -11.38
CA SER A 275 0.48 4.18 -10.21
C SER A 275 0.45 5.03 -8.95
N ALA A 276 -0.32 4.56 -7.96
CA ALA A 276 -0.42 5.20 -6.65
C ALA A 276 0.55 4.47 -5.73
N VAL A 277 1.76 5.01 -5.59
CA VAL A 277 2.83 4.29 -4.93
C VAL A 277 2.85 4.59 -3.44
N LYS A 278 3.40 3.64 -2.70
CA LYS A 278 3.51 3.69 -1.25
C LYS A 278 4.95 3.32 -0.93
N LYS A 279 5.71 4.28 -0.40
CA LYS A 279 7.18 4.19 -0.41
C LYS A 279 7.69 3.42 0.82
N VAL A 280 7.20 2.18 0.92
CA VAL A 280 7.59 1.27 2.00
C VAL A 280 9.09 1.00 1.97
N ASP A 281 9.65 0.77 0.77
CA ASP A 281 11.07 0.42 0.70
C ASP A 281 11.96 1.55 1.18
N SER A 282 11.69 2.79 0.77
CA SER A 282 12.52 3.90 1.22
C SER A 282 12.44 4.06 2.73
N LEU A 283 11.24 3.95 3.28
CA LEU A 283 11.06 4.16 4.71
C LEU A 283 11.71 3.04 5.52
N MET A 284 11.52 1.79 5.11
CA MET A 284 12.13 0.70 5.86
C MET A 284 13.64 0.79 5.84
N TYR A 285 14.21 1.16 4.68
CA TYR A 285 15.66 1.30 4.60
C TYR A 285 16.16 2.37 5.55
N SER A 286 15.54 3.55 5.51
N SER A 286 15.54 3.56 5.50
CA SER A 286 16.07 4.67 6.32
CA SER A 286 16.01 4.68 6.30
C SER A 286 15.84 4.44 7.81
C SER A 286 15.85 4.40 7.79
N LEU A 287 14.68 3.92 8.20
CA LEU A 287 14.43 3.65 9.61
C LEU A 287 15.34 2.55 10.14
N THR A 288 15.54 1.50 9.35
CA THR A 288 16.42 0.42 9.78
C THR A 288 17.87 0.89 9.88
N LYS A 289 18.33 1.69 8.92
CA LYS A 289 19.69 2.20 9.00
C LYS A 289 19.90 3.00 10.27
N LYS A 290 18.93 3.85 10.62
CA LYS A 290 19.05 4.61 11.87
C LYS A 290 19.08 3.69 13.07
N TYR A 291 18.19 2.68 13.10
CA TYR A 291 18.19 1.73 14.20
C TYR A 291 19.52 0.99 14.32
N LEU A 292 20.10 0.61 13.17
CA LEU A 292 21.39 -0.06 13.22
C LEU A 292 22.47 0.85 13.80
N GLU A 293 22.35 2.16 13.60
CA GLU A 293 23.33 3.10 14.15
C GLU A 293 23.13 3.37 15.64
N THR A 294 21.89 3.33 16.14
CA THR A 294 21.65 3.66 17.54
C THR A 294 21.56 2.46 18.45
N GLY A 295 21.05 1.34 17.96
CA GLY A 295 20.83 0.17 18.79
C GLY A 295 19.60 0.23 19.66
N VAL A 296 18.78 1.27 19.55
CA VAL A 296 17.57 1.42 20.35
C VAL A 296 16.44 1.78 19.41
N LEU A 297 15.35 1.02 19.47
CA LEU A 297 14.20 1.30 18.63
C LEU A 297 13.49 2.55 19.12
N ASP A 298 13.19 3.45 18.18
CA ASP A 298 12.36 4.61 18.44
C ASP A 298 10.90 4.18 18.31
N GLY A 299 10.45 3.44 19.33
CA GLY A 299 9.18 2.75 19.31
C GLY A 299 8.16 3.33 20.28
N GLY A 300 7.16 2.52 20.60
CA GLY A 300 6.09 2.94 21.50
C GLY A 300 5.16 3.96 20.89
N LYS A 301 5.06 3.99 19.57
CA LYS A 301 4.26 5.01 18.90
C LYS A 301 3.96 4.53 17.49
N THR A 302 3.07 5.27 16.82
CA THR A 302 2.79 5.11 15.40
C THR A 302 3.29 6.35 14.69
N MET A 303 4.08 6.14 13.64
CA MET A 303 4.53 7.21 12.75
C MET A 303 3.59 7.25 11.56
N PHE A 304 3.08 8.43 11.24
CA PHE A 304 2.13 8.62 10.15
C PHE A 304 2.81 9.30 8.97
N LEU A 305 2.55 8.78 7.76
CA LEU A 305 3.12 9.34 6.54
C LEU A 305 2.05 9.45 5.46
N GLY A 306 1.98 10.61 4.81
CA GLY A 306 1.15 10.80 3.65
C GLY A 306 1.95 11.40 2.51
N LEU A 307 1.25 12.15 1.65
CA LEU A 307 1.93 12.79 0.53
C LEU A 307 3.02 13.75 0.99
N LYS A 308 2.73 14.57 2.00
CA LYS A 308 3.66 15.65 2.33
C LYS A 308 4.96 15.11 2.93
N GLU A 309 4.91 13.93 3.56
CA GLU A 309 6.09 13.26 4.07
C GLU A 309 6.80 12.43 3.00
N ASP A 310 6.32 12.47 1.75
CA ASP A 310 6.87 11.66 0.68
C ASP A 310 6.73 10.17 1.00
N GLY A 311 5.64 9.80 1.68
CA GLY A 311 5.36 8.40 1.92
C GLY A 311 4.54 7.77 0.81
N LEU A 312 3.91 8.62 0.00
CA LEU A 312 3.05 8.20 -1.10
C LEU A 312 3.32 9.12 -2.27
N GLY A 313 2.95 8.67 -3.47
CA GLY A 313 3.07 9.52 -4.64
C GLY A 313 2.36 8.92 -5.83
N LEU A 314 2.26 9.73 -6.87
CA LEU A 314 1.56 9.36 -8.09
C LEU A 314 2.60 9.37 -9.21
N VAL A 315 2.77 8.23 -9.89
CA VAL A 315 3.84 8.03 -10.85
C VAL A 315 3.23 7.71 -12.22
N LEU A 316 3.57 8.52 -13.22
CA LEU A 316 2.99 8.37 -14.56
C LEU A 316 3.77 7.35 -15.39
N ASN A 317 3.04 6.60 -16.21
CA ASN A 317 3.65 5.75 -17.24
C ASN A 317 4.12 6.64 -18.39
N GLU A 318 5.45 6.75 -18.56
CA GLU A 318 6.01 7.63 -19.58
C GLU A 318 5.57 7.24 -20.99
N ASN A 319 5.27 5.96 -21.22
CA ASN A 319 4.81 5.52 -22.54
C ASN A 319 3.47 6.13 -22.94
N LEU A 320 2.68 6.59 -21.98
CA LEU A 320 1.40 7.24 -22.25
C LEU A 320 1.42 8.73 -21.92
N LYS A 321 2.62 9.33 -21.90
CA LYS A 321 2.77 10.70 -21.42
C LYS A 321 1.99 11.68 -22.27
N SER A 322 2.18 11.63 -23.60
CA SER A 322 1.57 12.62 -24.48
C SER A 322 0.05 12.64 -24.32
N ASN A 323 -0.53 11.53 -23.87
CA ASN A 323 -1.98 11.39 -23.85
C ASN A 323 -2.60 11.68 -22.49
N TYR A 324 -1.86 11.50 -21.40
CA TYR A 324 -2.42 11.71 -20.06
C TYR A 324 -1.63 12.69 -19.22
N SER A 325 -0.64 13.38 -19.79
CA SER A 325 0.19 14.30 -19.00
C SER A 325 -0.61 15.46 -18.44
N GLU A 326 -1.56 16.00 -19.21
CA GLU A 326 -2.32 17.13 -18.70
C GLU A 326 -3.12 16.74 -17.46
N ILE A 327 -3.78 15.58 -17.51
CA ILE A 327 -4.53 15.11 -16.34
C ILE A 327 -3.56 14.78 -15.20
N TYR A 328 -2.41 14.21 -15.51
CA TYR A 328 -1.42 13.93 -14.48
C TYR A 328 -0.99 15.22 -13.77
N ASN A 329 -0.72 16.27 -14.54
CA ASN A 329 -0.30 17.53 -13.93
C ASN A 329 -1.40 18.13 -13.09
N LYS A 330 -2.65 18.06 -13.56
CA LYS A 330 -3.76 18.53 -12.72
C LYS A 330 -3.84 17.71 -11.43
N SER A 331 -3.60 16.40 -11.53
CA SER A 331 -3.66 15.54 -10.35
C SER A 331 -2.58 15.92 -9.35
N LEU A 332 -1.39 16.30 -9.83
CA LEU A 332 -0.34 16.72 -8.92
C LEU A 332 -0.71 18.01 -8.20
N LYS A 333 -1.40 18.94 -8.89
CA LYS A 333 -1.87 20.14 -8.22
C LYS A 333 -2.88 19.79 -7.13
N ILE A 334 -3.73 18.78 -7.37
CA ILE A 334 -4.62 18.30 -6.32
C ILE A 334 -3.81 17.78 -5.14
N GLY A 335 -2.73 17.03 -5.44
CA GLY A 335 -1.86 16.55 -4.38
C GLY A 335 -1.26 17.68 -3.56
N GLN A 336 -0.88 18.77 -4.21
CA GLN A 336 -0.33 19.90 -3.46
C GLN A 336 -1.41 20.55 -2.59
N SER A 337 -2.66 20.59 -3.07
CA SER A 337 -3.76 21.07 -2.24
C SER A 337 -3.97 20.19 -1.01
N ILE A 338 -3.88 18.88 -1.18
CA ILE A 338 -3.96 17.97 -0.02
C ILE A 338 -2.80 18.23 0.93
N MET A 339 -1.59 18.34 0.39
CA MET A 339 -0.41 18.53 1.24
C MET A 339 -0.47 19.84 1.99
N ASN A 340 -1.08 20.86 1.42
CA ASN A 340 -1.21 22.15 2.07
C ASN A 340 -2.46 22.26 2.95
N GLY A 341 -3.20 21.17 3.12
CA GLY A 341 -4.36 21.16 4.01
C GLY A 341 -5.61 21.79 3.45
N ILE A 342 -5.66 22.03 2.14
CA ILE A 342 -6.81 22.70 1.53
C ILE A 342 -7.95 21.71 1.30
N ILE A 343 -7.64 20.51 0.82
CA ILE A 343 -8.59 19.42 0.66
C ILE A 343 -8.38 18.45 1.81
N LYS A 344 -9.44 18.16 2.55
CA LYS A 344 -9.39 17.20 3.65
C LYS A 344 -9.93 15.88 3.13
N VAL A 345 -9.05 14.90 2.97
CA VAL A 345 -9.39 13.66 2.27
C VAL A 345 -10.09 12.71 3.24
N PRO A 346 -11.26 12.19 2.90
CA PRO A 346 -11.92 11.20 3.77
C PRO A 346 -11.26 9.83 3.68
N TYR A 347 -11.48 9.04 4.72
CA TYR A 347 -10.81 7.76 4.89
C TYR A 347 -11.71 6.67 5.46
N ASP A 348 -12.95 6.97 5.83
CA ASP A 348 -13.90 5.99 6.33
C ASP A 348 -15.29 6.45 5.95
N LYS A 349 -16.30 5.65 6.31
CA LYS A 349 -17.65 5.93 5.88
C LYS A 349 -18.14 7.28 6.40
N VAL A 350 -17.87 7.59 7.67
CA VAL A 350 -18.36 8.83 8.27
C VAL A 350 -17.71 10.03 7.59
N SER A 351 -16.39 10.01 7.45
CA SER A 351 -15.72 11.15 6.82
C SER A 351 -16.07 11.26 5.35
N TYR A 352 -16.27 10.13 4.68
CA TYR A 352 -16.67 10.15 3.27
C TYR A 352 -18.06 10.76 3.11
N ASP A 353 -19.03 10.30 3.90
CA ASP A 353 -20.39 10.81 3.73
C ASP A 353 -20.43 12.31 3.99
N ASN A 354 -19.66 12.78 4.98
CA ASN A 354 -19.54 14.21 5.22
C ASN A 354 -18.88 14.93 4.05
N PHE A 355 -17.77 14.38 3.54
CA PHE A 355 -17.08 15.00 2.42
C PHE A 355 -18.01 15.18 1.23
N VAL A 356 -18.76 14.13 0.90
CA VAL A 356 -19.68 14.21 -0.25
C VAL A 356 -20.75 15.26 -0.02
N LEU A 357 -21.30 15.30 1.20
CA LEU A 357 -22.37 16.25 1.47
C LEU A 357 -21.88 17.70 1.44
N GLN A 358 -20.61 17.93 1.74
CA GLN A 358 -20.06 19.27 1.82
C GLN A 358 -19.33 19.71 0.55
N MET A 359 -19.37 18.91 -0.51
CA MET A 359 -18.75 19.29 -1.78
C MET A 359 -19.42 20.53 -2.37
O5' ADN B . -1.99 -3.31 -2.45
C5' ADN B . -2.80 -2.25 -1.95
C4' ADN B . -2.65 -2.10 -0.45
O4' ADN B . -3.15 -3.28 0.23
C3' ADN B . -1.24 -1.93 0.08
O3' ADN B . -0.77 -0.59 -0.03
C2' ADN B . -1.36 -2.38 1.52
O2' ADN B . -1.96 -1.34 2.29
C1' ADN B . -2.37 -3.53 1.38
N9 ADN B . -1.74 -4.85 1.21
C8 ADN B . -1.28 -5.42 0.08
N7 ADN B . -0.83 -6.65 0.36
C5 ADN B . -1.05 -6.83 1.69
C6 ADN B . -0.79 -7.89 2.50
N6 ADN B . -0.19 -9.18 2.21
N1 ADN B . -1.09 -7.82 3.79
C2 ADN B . -1.68 -6.70 4.30
N3 ADN B . -1.94 -5.61 3.51
C4 ADN B . -1.60 -5.72 2.21
CL CL C . -7.70 -17.05 -14.29
NA NA D . -5.12 -17.51 -8.82
#